data_5HNJ
#
_entry.id   5HNJ
#
_cell.length_a   30.692
_cell.length_b   45.923
_cell.length_c   45.406
_cell.angle_alpha   90.00
_cell.angle_beta   100.85
_cell.angle_gamma   90.00
#
_symmetry.space_group_name_H-M   'P 1 21 1'
#
loop_
_entity.id
_entity.type
_entity.pdbx_description
1 polymer "RNA (5'-R(*GP*UP*AP*(OFC)P*GP*UP*AP*C)-3')"
2 non-polymer 'SODIUM ION'
3 water water
#
_entity_poly.entity_id   1
_entity_poly.type   'polyribonucleotide'
_entity_poly.pdbx_seq_one_letter_code
;GUA(RSQ)GUAC
;
_entity_poly.pdbx_strand_id   A,B,C,D,E,F
#
loop_
_chem_comp.id
_chem_comp.type
_chem_comp.name
_chem_comp.formula
A RNA linking ADENOSINE-5'-MONOPHOSPHATE 'C10 H14 N5 O7 P'
C RNA linking CYTIDINE-5'-MONOPHOSPHATE 'C9 H14 N3 O8 P'
G RNA linking GUANOSINE-5'-MONOPHOSPHATE 'C10 H14 N5 O8 P'
NA non-polymer 'SODIUM ION' 'Na 1'
RSQ RNA linking '5-formylcytidine 5'-(dihydrogen phosphate)' 'C10 H14 N3 O9 P'
U RNA linking URIDINE-5'-MONOPHOSPHATE 'C9 H13 N2 O9 P'
#
# COMPACT_ATOMS: atom_id res chain seq x y z
P RSQ A 4 -15.60 9.97 0.02
N1 RSQ A 4 -13.76 14.59 -1.72
C2 RSQ A 4 -13.04 15.78 -1.75
O2 RSQ A 4 -13.06 16.40 -2.78
N3 RSQ A 4 -12.44 16.19 -0.64
C4 RSQ A 4 -12.42 15.47 0.49
N4 RSQ A 4 -11.82 15.91 1.59
C5 RSQ A 4 -13.17 14.20 0.50
C6 RSQ A 4 -13.76 13.80 -0.63
C1' RSQ A 4 -14.43 14.13 -3.00
C10 RSQ A 4 -13.24 13.39 1.71
C2' RSQ A 4 -13.44 13.42 -3.90
O2' RSQ A 4 -13.90 13.58 -5.27
C3' RSQ A 4 -13.53 12.01 -3.43
O3' RSQ A 4 -13.05 11.07 -4.38
O30 RSQ A 4 -12.72 13.64 2.80
C4' RSQ A 4 -15.04 11.89 -3.25
O4' RSQ A 4 -15.42 13.16 -2.69
C5' RSQ A 4 -15.63 10.77 -2.40
O5' RSQ A 4 -15.06 10.88 -1.12
OP1 RSQ A 4 -15.82 8.58 -0.45
OP2 RSQ A 4 -14.62 10.17 1.14
P RSQ B 4 -4.74 23.21 6.93
N1 RSQ B 4 -5.26 20.92 2.28
C2 RSQ B 4 -5.75 20.03 1.26
O2 RSQ B 4 -5.40 20.21 0.12
N3 RSQ B 4 -6.62 19.09 1.64
C4 RSQ B 4 -7.07 18.85 2.90
N4 RSQ B 4 -7.90 17.93 3.18
C5 RSQ B 4 -6.52 19.79 3.97
C6 RSQ B 4 -5.70 20.74 3.51
C1' RSQ B 4 -4.27 21.93 1.83
C10 RSQ B 4 -6.97 19.72 5.37
C2' RSQ B 4 -4.99 23.14 1.27
O2' RSQ B 4 -4.15 23.88 0.41
C3' RSQ B 4 -5.26 23.97 2.54
O3' RSQ B 4 -5.55 25.36 2.33
O30 RSQ B 4 -7.80 18.93 5.79
C4' RSQ B 4 -3.91 23.79 3.23
O4' RSQ B 4 -3.55 22.42 2.96
C5' RSQ B 4 -3.84 24.00 4.74
O5' RSQ B 4 -4.84 23.25 5.41
OP1 RSQ B 4 -4.55 24.58 7.52
OP2 RSQ B 4 -5.89 22.53 7.37
P RSQ C 4 -0.06 -4.92 5.57
N1 RSQ C 4 -4.14 -3.56 2.36
C2 RSQ C 4 -4.81 -3.21 1.22
O2 RSQ C 4 -6.03 -3.54 1.05
N3 RSQ C 4 -4.22 -2.50 0.23
C4 RSQ C 4 -2.91 -2.18 0.38
N4 RSQ C 4 -2.31 -1.46 -0.58
C5 RSQ C 4 -2.22 -2.56 1.58
C6 RSQ C 4 -2.88 -3.26 2.53
C1' RSQ C 4 -4.91 -4.31 3.39
C10 RSQ C 4 -0.79 -2.26 1.84
C2' RSQ C 4 -5.11 -5.76 3.03
O2' RSQ C 4 -6.30 -6.28 3.62
C3' RSQ C 4 -3.87 -6.32 3.68
O3' RSQ C 4 -3.90 -7.72 3.93
O30 RSQ C 4 -0.12 -1.58 1.04
C4' RSQ C 4 -3.83 -5.61 4.96
O4' RSQ C 4 -4.23 -4.26 4.63
C5' RSQ C 4 -2.57 -5.64 5.76
O5' RSQ C 4 -1.57 -5.06 4.96
OP1 RSQ C 4 0.36 -6.15 6.29
OP2 RSQ C 4 0.72 -4.44 4.39
P RSQ D 4 -2.42 1.76 -12.03
N1 RSQ D 4 -4.71 -2.02 -9.10
C2 RSQ D 4 -5.01 -2.86 -7.96
O2 RSQ D 4 -5.90 -3.68 -8.05
N3 RSQ D 4 -4.30 -2.71 -6.83
C4 RSQ D 4 -3.33 -1.77 -6.72
N4 RSQ D 4 -2.65 -1.67 -5.61
C5 RSQ D 4 -3.00 -0.88 -7.82
C6 RSQ D 4 -3.73 -1.06 -8.97
C1' RSQ D 4 -5.53 -2.21 -10.28
C10 RSQ D 4 -1.95 0.16 -7.82
C2' RSQ D 4 -6.86 -1.44 -10.19
O2' RSQ D 4 -7.79 -2.07 -11.10
C3' RSQ D 4 -6.41 -0.11 -10.72
O3' RSQ D 4 -7.52 0.75 -11.19
O30 RSQ D 4 -1.29 0.40 -6.87
C4' RSQ D 4 -5.60 -0.55 -11.91
O4' RSQ D 4 -4.85 -1.68 -11.40
C5' RSQ D 4 -4.60 0.43 -12.55
O5' RSQ D 4 -3.67 0.90 -11.57
OP1 RSQ D 4 -2.82 2.72 -13.13
OP2 RSQ D 4 -1.84 2.26 -10.78
P RSQ E 4 19.44 -15.00 -5.41
N1 RSQ E 4 17.74 -12.96 -0.83
C2 RSQ E 4 16.93 -12.70 0.30
O2 RSQ E 4 17.36 -11.99 1.22
N3 RSQ E 4 15.71 -13.23 0.36
C4 RSQ E 4 15.29 -14.07 -0.62
N4 RSQ E 4 14.11 -14.62 -0.54
C5 RSQ E 4 16.14 -14.38 -1.78
C6 RSQ E 4 17.36 -13.80 -1.79
C1' RSQ E 4 19.06 -12.29 -0.88
C10 RSQ E 4 15.76 -15.27 -2.88
C2' RSQ E 4 20.15 -12.99 -0.11
O2' RSQ E 4 21.15 -12.07 0.26
C3' RSQ E 4 20.68 -13.95 -1.11
O3' RSQ E 4 21.98 -14.55 -0.83
O30 RSQ E 4 14.69 -15.89 -2.91
C4' RSQ E 4 20.73 -13.00 -2.35
O4' RSQ E 4 19.51 -12.28 -2.23
C5' RSQ E 4 20.78 -13.60 -3.72
O5' RSQ E 4 19.74 -14.52 -3.92
OP1 RSQ E 4 20.71 -15.41 -6.06
OP2 RSQ E 4 18.29 -15.89 -5.27
P RSQ F 4 5.00 -17.99 5.91
N1 RSQ F 4 10.22 -17.12 6.51
C2 RSQ F 4 11.57 -16.75 6.21
O2 RSQ F 4 12.31 -16.45 7.13
N3 RSQ F 4 11.91 -16.69 4.92
C4 RSQ F 4 11.02 -16.92 3.92
N4 RSQ F 4 11.45 -16.80 2.69
C5 RSQ F 4 9.64 -17.22 4.23
C6 RSQ F 4 9.34 -17.32 5.56
C1' RSQ F 4 9.86 -17.19 7.96
C10 RSQ F 4 8.63 -17.48 3.20
C2' RSQ F 4 9.60 -15.78 8.49
O2' RSQ F 4 9.77 -15.76 9.91
C3' RSQ F 4 8.11 -15.70 8.22
O3' RSQ F 4 7.41 -14.68 8.91
O30 RSQ F 4 8.84 -17.42 2.03
C4' RSQ F 4 7.65 -17.05 8.63
O4' RSQ F 4 8.67 -17.89 8.12
C5' RSQ F 4 6.32 -17.54 8.15
O5' RSQ F 4 6.28 -17.47 6.73
OP1 RSQ F 4 3.74 -17.66 6.67
OP2 RSQ F 4 5.21 -17.54 4.57
NA NA G . -1.20 7.46 -1.28
NA NA H . -7.66 10.10 3.01
#